data_5FSY
#
_entry.id   5FSY
#
_cell.length_a   78.050
_cell.length_b   54.620
_cell.length_c   58.760
_cell.angle_alpha   90.00
_cell.angle_beta   95.72
_cell.angle_gamma   90.00
#
_symmetry.space_group_name_H-M   'C 1 2 1'
#
loop_
_entity.id
_entity.type
_entity.pdbx_description
1 polymer MACRODOMAIN
2 non-polymer '[(2R,3S,4R,5R)-5-(6-AMINOPURIN-9-YL)-3,4-DIHYDROXY-OXOLAN-2-YL]METHYL [HYDROXY-[[(2R,3S,4R,5S)-3,4,5-TRIHYDROXYOXOLAN-2-YL]METHOXY]PHOSPHORYL] HYDROGEN PHOSPHATE'
3 water water
#
_entity_poly.entity_id   1
_entity_poly.type   'polypeptide(L)'
_entity_poly.pdbx_seq_one_letter_code
;SMKRGRGGRVDPFEFVTYSGEEIKESSSEERVKEGANKSSPTRTRILSAALSPAERAIFDVPIEKWLSIDRSSLSGWKCA
VPRPVTIEQLRPVDPSDAILRHIALYRGPVTDLQLDAIVNAANTRCLGGGGVDGAIHRVAGPLLLRECATFNGCQTGECR
LTKGYQLPARYVLHTVGPVGERPDMLRKCYRSILSLALKNGLRSIGFCCVSTGVYGYPLLPATRIALGETRKFLEEHGGA
LDMCCFACFQEDEYKTYEKCVGKSSL
;
_entity_poly.pdbx_strand_id   A
#
# COMPACT_ATOMS: atom_id res chain seq x y z
N GLU A 14 -11.14 -5.44 16.08
CA GLU A 14 -10.92 -3.99 15.78
C GLU A 14 -9.52 -3.78 15.18
N PHE A 15 -9.45 -2.94 14.17
CA PHE A 15 -8.25 -2.82 13.35
C PHE A 15 -7.15 -2.05 14.06
N VAL A 16 -5.91 -2.48 13.81
CA VAL A 16 -4.76 -1.72 14.16
C VAL A 16 -4.45 -0.88 12.93
N THR A 17 -4.53 0.42 13.05
CA THR A 17 -4.37 1.31 11.89
C THR A 17 -3.02 2.03 11.80
N TYR A 18 -2.16 1.84 12.80
CA TYR A 18 -0.84 2.46 12.78
C TYR A 18 0.15 1.51 13.43
N SER A 19 1.34 1.40 12.86
CA SER A 19 2.34 0.47 13.39
C SER A 19 3.11 1.06 14.58
N GLY A 20 3.20 2.39 14.67
CA GLY A 20 4.02 3.06 15.68
C GLY A 20 3.25 3.50 16.92
N GLU A 21 3.85 4.40 17.69
CA GLU A 21 3.23 4.99 18.89
C GLU A 21 2.89 6.47 18.63
N GLU A 22 1.67 6.87 19.00
CA GLU A 22 1.12 8.21 18.66
C GLU A 22 1.89 9.37 19.30
N SER A 40 -3.45 21.05 12.99
CA SER A 40 -2.76 21.54 11.81
C SER A 40 -3.71 22.36 10.91
N PRO A 41 -3.27 23.56 10.44
CA PRO A 41 -4.16 24.39 9.60
C PRO A 41 -4.45 23.78 8.24
N THR A 42 -3.51 22.99 7.70
CA THR A 42 -3.74 22.28 6.46
C THR A 42 -4.80 21.17 6.63
N ARG A 43 -4.65 20.37 7.68
CA ARG A 43 -5.58 19.30 8.04
C ARG A 43 -6.97 19.87 8.29
N THR A 44 -7.00 21.02 8.97
CA THR A 44 -8.22 21.75 9.26
C THR A 44 -8.97 22.12 7.98
N ARG A 45 -8.30 22.75 7.03
CA ARG A 45 -8.84 23.05 5.70
C ARG A 45 -9.42 21.83 4.98
N ILE A 46 -8.69 20.73 5.05
CA ILE A 46 -9.07 19.53 4.34
C ILE A 46 -10.36 18.99 4.97
N LEU A 47 -10.37 18.88 6.30
CA LEU A 47 -11.51 18.33 7.00
C LEU A 47 -12.74 19.23 6.96
N SER A 48 -12.56 20.55 6.83
CA SER A 48 -13.71 21.44 6.71
C SER A 48 -14.28 21.49 5.26
N ALA A 49 -13.60 20.90 4.28
CA ALA A 49 -14.09 20.95 2.91
C ALA A 49 -15.41 20.17 2.78
N ALA A 50 -16.30 20.71 1.96
CA ALA A 50 -17.61 20.14 1.71
C ALA A 50 -17.53 18.71 1.13
N LEU A 51 -18.45 17.88 1.59
CA LEU A 51 -18.65 16.50 1.10
C LEU A 51 -20.10 16.32 0.77
N SER A 52 -20.40 15.48 -0.21
CA SER A 52 -21.77 15.18 -0.59
C SER A 52 -22.23 14.10 0.41
N PRO A 53 -23.56 13.88 0.54
CA PRO A 53 -24.15 12.81 1.37
C PRO A 53 -23.63 11.45 1.00
N ALA A 54 -23.44 11.25 -0.29
CA ALA A 54 -22.95 9.99 -0.83
C ALA A 54 -21.46 9.81 -0.47
N GLU A 55 -20.68 10.87 -0.53
CA GLU A 55 -19.30 10.83 -0.10
C GLU A 55 -19.20 10.58 1.43
N ARG A 56 -20.07 11.23 2.21
CA ARG A 56 -20.11 11.05 3.70
C ARG A 56 -20.37 9.60 4.05
N ALA A 57 -21.33 9.00 3.35
CA ALA A 57 -21.67 7.62 3.53
C ALA A 57 -20.55 6.62 3.33
N ILE A 58 -19.67 6.87 2.36
CA ILE A 58 -18.48 6.07 2.17
C ILE A 58 -17.44 6.35 3.28
N PHE A 59 -17.23 7.62 3.57
CA PHE A 59 -16.30 8.00 4.59
C PHE A 59 -16.71 7.41 5.94
N ASP A 60 -18.01 7.34 6.18
CA ASP A 60 -18.54 6.77 7.47
C ASP A 60 -18.36 5.26 7.66
N VAL A 61 -17.93 4.51 6.63
CA VAL A 61 -17.78 3.05 6.75
C VAL A 61 -16.65 2.73 7.68
N PRO A 62 -16.97 2.03 8.78
CA PRO A 62 -15.93 1.63 9.74
C PRO A 62 -14.81 0.92 9.00
N ILE A 63 -13.60 1.28 9.31
CA ILE A 63 -12.45 0.83 8.52
C ILE A 63 -12.42 -0.70 8.37
N GLU A 64 -12.75 -1.41 9.43
CA GLU A 64 -12.70 -2.88 9.43
C GLU A 64 -13.74 -3.54 8.51
N LYS A 65 -14.87 -2.88 8.26
CA LYS A 65 -15.92 -3.35 7.40
C LYS A 65 -15.62 -3.21 5.91
N TRP A 66 -14.73 -2.30 5.56
CA TRP A 66 -14.44 -2.03 4.17
C TRP A 66 -13.86 -3.23 3.42
N LEU A 67 -13.18 -4.13 4.14
CA LEU A 67 -12.52 -5.29 3.54
C LEU A 67 -13.50 -6.15 2.76
N SER A 68 -14.67 -6.32 3.36
CA SER A 68 -15.68 -7.26 2.87
CA SER A 68 -15.70 -7.27 2.94
C SER A 68 -16.91 -6.63 2.28
N ILE A 69 -17.09 -5.33 2.50
CA ILE A 69 -18.32 -4.70 2.04
C ILE A 69 -18.47 -4.80 0.53
N ASP A 70 -19.70 -4.83 0.05
CA ASP A 70 -19.96 -4.73 -1.36
C ASP A 70 -19.92 -3.22 -1.67
N ARG A 71 -18.81 -2.74 -2.22
CA ARG A 71 -18.63 -1.31 -2.39
C ARG A 71 -19.60 -0.70 -3.41
N SER A 72 -20.15 -1.55 -4.27
CA SER A 72 -21.14 -1.14 -5.26
C SER A 72 -22.53 -0.88 -4.65
N SER A 73 -22.81 -1.43 -3.46
CA SER A 73 -23.91 -0.97 -2.61
C SER A 73 -23.83 0.50 -2.08
N LEU A 74 -22.66 1.16 -2.15
CA LEU A 74 -22.54 2.58 -1.80
C LEU A 74 -22.70 3.46 -3.05
N SER A 75 -23.72 4.31 -3.03
CA SER A 75 -24.09 5.06 -4.24
C SER A 75 -23.06 6.10 -4.68
N GLY A 76 -22.18 6.51 -3.77
CA GLY A 76 -21.06 7.41 -4.06
C GLY A 76 -19.78 6.74 -4.57
N TRP A 77 -19.69 5.42 -4.50
CA TRP A 77 -18.50 4.70 -4.89
C TRP A 77 -18.44 4.36 -6.37
N LYS A 78 -17.23 4.35 -6.88
CA LYS A 78 -16.90 3.56 -8.03
C LYS A 78 -15.47 3.13 -8.04
N CYS A 79 -15.19 2.12 -8.85
CA CYS A 79 -13.79 1.80 -9.10
C CYS A 79 -13.31 2.70 -10.25
N ALA A 80 -12.25 3.45 -10.01
CA ALA A 80 -11.61 4.28 -11.02
C ALA A 80 -10.58 3.57 -11.92
N VAL A 81 -10.36 2.27 -11.77
CA VAL A 81 -9.46 1.51 -12.65
C VAL A 81 -10.33 0.51 -13.41
N PRO A 82 -10.50 0.72 -14.72
CA PRO A 82 -11.38 -0.07 -15.60
C PRO A 82 -11.22 -1.59 -15.63
N ARG A 83 -10.00 -2.08 -15.86
CA ARG A 83 -9.73 -3.52 -15.80
C ARG A 83 -8.61 -3.74 -14.78
N PRO A 84 -8.99 -3.90 -13.50
CA PRO A 84 -7.93 -4.12 -12.50
C PRO A 84 -7.34 -5.53 -12.65
N VAL A 85 -6.10 -5.70 -12.21
CA VAL A 85 -5.36 -6.94 -12.23
C VAL A 85 -5.61 -7.68 -10.90
N THR A 86 -6.19 -8.88 -10.96
CA THR A 86 -6.63 -9.59 -9.77
C THR A 86 -5.64 -10.63 -9.38
N ILE A 87 -5.84 -11.23 -8.21
CA ILE A 87 -4.84 -12.18 -7.71
C ILE A 87 -4.60 -13.33 -8.70
N GLU A 88 -5.67 -13.87 -9.28
CA GLU A 88 -5.61 -15.00 -10.22
C GLU A 88 -5.03 -14.67 -11.62
N GLN A 89 -4.85 -13.39 -11.91
CA GLN A 89 -4.14 -12.95 -13.09
C GLN A 89 -2.62 -12.83 -12.95
N LEU A 90 -2.12 -12.67 -11.73
CA LEU A 90 -0.66 -12.60 -11.46
C LEU A 90 0.02 -13.97 -11.58
N ARG A 91 1.28 -13.99 -11.97
CA ARG A 91 2.02 -15.22 -11.97
C ARG A 91 3.09 -15.14 -10.91
N PRO A 92 3.14 -16.17 -10.03
CA PRO A 92 4.22 -16.21 -9.09
C PRO A 92 5.58 -16.31 -9.76
N VAL A 93 6.60 -15.78 -9.11
CA VAL A 93 7.96 -15.90 -9.60
C VAL A 93 8.24 -17.39 -9.84
N ASP A 94 7.93 -18.23 -8.85
CA ASP A 94 8.14 -19.69 -8.97
C ASP A 94 7.05 -20.48 -8.25
N PRO A 95 6.08 -21.04 -9.01
CA PRO A 95 5.04 -21.88 -8.43
C PRO A 95 5.54 -23.00 -7.48
N SER A 96 6.77 -23.48 -7.64
CA SER A 96 7.24 -24.65 -6.91
C SER A 96 8.04 -24.38 -5.63
N ASP A 97 8.47 -23.14 -5.44
CA ASP A 97 9.21 -22.79 -4.23
C ASP A 97 8.24 -22.53 -3.08
N ALA A 98 8.61 -22.92 -1.86
CA ALA A 98 7.77 -22.65 -0.69
C ALA A 98 7.47 -21.14 -0.49
N ILE A 99 8.44 -20.28 -0.81
CA ILE A 99 8.40 -18.83 -0.60
C ILE A 99 7.99 -18.09 -1.88
N LEU A 100 8.71 -18.32 -2.97
CA LEU A 100 8.50 -17.62 -4.23
C LEU A 100 7.19 -17.89 -4.98
N ARG A 101 6.43 -18.88 -4.54
CA ARG A 101 5.06 -19.07 -5.00
C ARG A 101 4.12 -17.98 -4.48
N HIS A 102 4.50 -17.31 -3.41
CA HIS A 102 3.69 -16.23 -2.81
C HIS A 102 4.15 -14.86 -3.24
N ILE A 103 5.14 -14.79 -4.15
CA ILE A 103 5.63 -13.53 -4.71
C ILE A 103 5.47 -13.45 -6.21
N ALA A 104 4.90 -12.31 -6.67
CA ALA A 104 4.74 -11.99 -8.08
C ALA A 104 5.38 -10.65 -8.43
N LEU A 105 5.94 -10.55 -9.63
CA LEU A 105 6.33 -9.25 -10.21
C LEU A 105 5.27 -8.75 -11.14
N TYR A 106 5.04 -7.43 -11.16
CA TYR A 106 4.03 -6.84 -12.01
C TYR A 106 4.64 -5.63 -12.71
N ARG A 107 4.52 -5.61 -14.04
CA ARG A 107 4.93 -4.49 -14.84
C ARG A 107 3.81 -3.46 -14.87
N GLY A 108 3.95 -2.41 -14.08
CA GLY A 108 2.89 -1.38 -14.04
C GLY A 108 2.77 -0.73 -12.69
N PRO A 109 1.91 0.32 -12.59
CA PRO A 109 1.66 1.10 -11.38
C PRO A 109 0.91 0.24 -10.39
N VAL A 110 1.29 0.32 -9.11
CA VAL A 110 0.67 -0.41 -8.01
C VAL A 110 -0.86 -0.20 -7.93
N THR A 111 -1.32 0.95 -8.42
CA THR A 111 -2.73 1.24 -8.48
C THR A 111 -3.59 0.27 -9.29
N ASP A 112 -3.01 -0.43 -10.28
CA ASP A 112 -3.77 -1.44 -11.07
C ASP A 112 -4.19 -2.68 -10.29
N LEU A 113 -3.54 -2.93 -9.16
CA LEU A 113 -3.68 -4.16 -8.40
C LEU A 113 -4.90 -4.24 -7.45
N GLN A 114 -5.72 -5.23 -7.72
CA GLN A 114 -6.92 -5.49 -6.95
C GLN A 114 -6.60 -6.53 -5.88
N LEU A 115 -5.97 -6.05 -4.80
CA LEU A 115 -5.54 -6.91 -3.69
C LEU A 115 -6.12 -6.35 -2.42
N ASP A 116 -5.89 -7.00 -1.29
CA ASP A 116 -6.42 -6.45 -0.03
C ASP A 116 -5.84 -5.08 0.26
N ALA A 117 -4.58 -4.88 -0.05
CA ALA A 117 -3.92 -3.64 0.24
C ALA A 117 -2.89 -3.30 -0.81
N ILE A 118 -2.75 -1.99 -1.09
CA ILE A 118 -1.55 -1.50 -1.83
C ILE A 118 -0.70 -0.57 -0.98
N VAL A 119 0.59 -0.49 -1.30
CA VAL A 119 1.51 0.35 -0.52
C VAL A 119 1.68 1.69 -1.20
N ASN A 120 1.50 2.76 -0.42
CA ASN A 120 1.90 4.11 -0.79
C ASN A 120 3.27 4.51 -0.18
N ALA A 121 4.13 5.09 -1.02
CA ALA A 121 5.42 5.67 -0.60
C ALA A 121 5.20 7.13 -0.28
N ALA A 122 4.79 7.37 0.97
CA ALA A 122 4.38 8.71 1.46
C ALA A 122 5.54 9.53 2.03
N ASN A 123 5.26 10.77 2.48
CA ASN A 123 6.19 11.51 3.40
C ASN A 123 5.61 11.67 4.78
N THR A 124 6.41 12.16 5.72
CA THR A 124 5.97 12.19 7.11
C THR A 124 4.72 13.02 7.36
N ARG A 125 4.48 14.02 6.54
CA ARG A 125 3.24 14.79 6.63
C ARG A 125 2.06 13.88 6.24
N CYS A 126 2.24 13.11 5.17
CA CYS A 126 1.33 12.03 4.76
C CYS A 126 -0.02 12.66 4.36
N LEU A 127 0.06 13.70 3.53
CA LEU A 127 -1.09 14.40 2.92
C LEU A 127 -0.85 14.55 1.41
N GLY A 128 -0.18 13.58 0.79
CA GLY A 128 -0.04 13.50 -0.64
C GLY A 128 1.30 14.09 -1.07
N GLY A 129 1.55 14.01 -2.36
CA GLY A 129 2.82 14.49 -2.96
C GLY A 129 2.85 14.11 -4.43
N GLY A 130 4.04 14.00 -4.99
CA GLY A 130 4.22 13.53 -6.36
C GLY A 130 4.46 12.04 -6.35
N GLY A 131 5.09 11.53 -7.40
CA GLY A 131 5.36 10.10 -7.50
C GLY A 131 4.16 9.18 -7.30
N VAL A 132 4.38 8.01 -6.69
CA VAL A 132 3.30 7.07 -6.49
C VAL A 132 2.18 7.62 -5.54
N ASP A 133 2.58 8.38 -4.54
CA ASP A 133 1.68 9.05 -3.58
C ASP A 133 0.64 9.93 -4.35
N GLY A 134 1.13 10.71 -5.31
CA GLY A 134 0.24 11.46 -6.24
C GLY A 134 -0.72 10.61 -7.01
N ALA A 135 -0.19 9.54 -7.62
CA ALA A 135 -1.07 8.65 -8.43
C ALA A 135 -2.20 7.94 -7.62
N ILE A 136 -1.84 7.49 -6.43
CA ILE A 136 -2.74 6.78 -5.52
C ILE A 136 -3.88 7.73 -5.12
N HIS A 137 -3.55 8.95 -4.73
CA HIS A 137 -4.56 9.95 -4.38
C HIS A 137 -5.47 10.30 -5.61
N ARG A 138 -4.86 10.45 -6.78
CA ARG A 138 -5.63 10.69 -8.02
C ARG A 138 -6.66 9.60 -8.24
N VAL A 139 -6.22 8.35 -8.17
CA VAL A 139 -7.08 7.19 -8.44
C VAL A 139 -8.09 7.00 -7.29
N ALA A 140 -7.61 7.05 -6.05
CA ALA A 140 -8.45 6.78 -4.89
C ALA A 140 -9.57 7.84 -4.76
N GLY A 141 -9.25 9.07 -5.14
CA GLY A 141 -10.19 10.17 -5.05
C GLY A 141 -9.98 10.95 -3.78
N PRO A 142 -10.70 12.08 -3.66
CA PRO A 142 -10.40 13.03 -2.61
C PRO A 142 -10.65 12.54 -1.16
N LEU A 143 -11.41 11.48 -0.98
CA LEU A 143 -11.63 10.93 0.38
C LEU A 143 -10.38 10.34 0.98
N LEU A 144 -9.44 9.86 0.14
CA LEU A 144 -8.16 9.38 0.72
C LEU A 144 -7.39 10.45 1.50
N LEU A 145 -7.28 11.65 0.95
CA LEU A 145 -6.61 12.76 1.63
C LEU A 145 -7.44 13.17 2.81
N ARG A 146 -8.78 13.11 2.73
CA ARG A 146 -9.61 13.43 3.90
CA ARG A 146 -9.57 13.46 3.92
C ARG A 146 -9.30 12.48 5.07
N GLU A 147 -9.20 11.18 4.77
CA GLU A 147 -8.83 10.25 5.81
C GLU A 147 -7.43 10.49 6.42
N CYS A 148 -6.45 10.76 5.56
CA CYS A 148 -5.12 11.11 5.97
C CYS A 148 -5.04 12.32 6.93
N ALA A 149 -5.91 13.30 6.70
CA ALA A 149 -6.01 14.43 7.56
C ALA A 149 -6.63 14.11 8.94
N THR A 150 -7.16 12.94 9.17
CA THR A 150 -7.62 12.54 10.51
C THR A 150 -6.53 12.06 11.44
N PHE A 151 -5.28 11.90 10.95
CA PHE A 151 -4.17 11.47 11.82
C PHE A 151 -2.96 12.39 11.68
N ASN A 152 -2.05 12.33 12.63
CA ASN A 152 -0.91 13.27 12.62
C ASN A 152 0.26 12.70 11.81
N GLY A 153 0.08 12.54 10.52
CA GLY A 153 1.15 12.06 9.63
C GLY A 153 1.62 10.65 9.96
N CYS A 154 2.88 10.38 9.70
CA CYS A 154 3.42 9.02 9.80
C CYS A 154 4.93 9.11 9.97
N GLN A 155 5.46 8.45 10.99
CA GLN A 155 6.93 8.49 11.23
C GLN A 155 7.61 7.59 10.19
N THR A 156 8.87 7.92 9.87
CA THR A 156 9.75 7.13 9.00
C THR A 156 9.87 5.69 9.52
N GLY A 157 9.72 4.71 8.63
CA GLY A 157 9.69 3.28 9.03
C GLY A 157 8.36 2.75 9.57
N GLU A 158 7.35 3.60 9.75
CA GLU A 158 6.05 3.19 10.21
C GLU A 158 5.09 3.18 9.00
N CYS A 159 3.89 2.71 9.29
CA CYS A 159 2.84 2.49 8.30
C CYS A 159 1.46 2.89 8.86
N ARG A 160 0.71 3.68 8.09
CA ARG A 160 -0.69 4.02 8.37
C ARG A 160 -1.63 3.29 7.43
N LEU A 161 -2.73 2.77 7.98
CA LEU A 161 -3.72 2.00 7.25
C LEU A 161 -4.97 2.82 7.02
N THR A 162 -5.34 2.99 5.76
CA THR A 162 -6.57 3.72 5.40
C THR A 162 -7.41 2.89 4.44
N LYS A 163 -8.68 3.25 4.29
CA LYS A 163 -9.49 2.74 3.22
C LYS A 163 -8.90 3.20 1.85
N GLY A 164 -9.16 2.45 0.79
CA GLY A 164 -8.65 2.72 -0.58
C GLY A 164 -9.59 3.43 -1.54
N TYR A 165 -10.81 3.64 -1.05
CA TYR A 165 -11.86 4.37 -1.70
C TYR A 165 -12.01 3.86 -3.11
N GLN A 166 -11.68 4.66 -4.10
CA GLN A 166 -11.91 4.26 -5.54
C GLN A 166 -10.88 3.33 -6.18
N LEU A 167 -9.85 2.96 -5.43
CA LEU A 167 -8.93 1.96 -5.87
C LEU A 167 -9.63 0.61 -5.89
N PRO A 168 -9.28 -0.25 -6.89
CA PRO A 168 -9.72 -1.64 -6.83
C PRO A 168 -9.20 -2.35 -5.56
N ALA A 169 -8.01 -1.97 -5.09
CA ALA A 169 -7.49 -2.43 -3.78
C ALA A 169 -8.38 -1.92 -2.63
N ARG A 170 -8.48 -2.68 -1.56
CA ARG A 170 -9.37 -2.32 -0.42
C ARG A 170 -8.80 -1.24 0.46
N TYR A 171 -7.52 -1.39 0.80
CA TYR A 171 -6.86 -0.55 1.80
C TYR A 171 -5.58 0.02 1.23
N VAL A 172 -5.16 1.16 1.74
CA VAL A 172 -3.81 1.65 1.44
C VAL A 172 -3.00 1.53 2.73
N LEU A 173 -1.76 1.07 2.57
CA LEU A 173 -0.76 1.04 3.64
C LEU A 173 0.24 2.10 3.29
N HIS A 174 0.11 3.26 3.95
CA HIS A 174 0.95 4.39 3.65
C HIS A 174 2.19 4.21 4.55
N THR A 175 3.36 4.11 3.95
CA THR A 175 4.58 3.99 4.74
C THR A 175 5.49 5.11 4.33
N VAL A 176 6.42 5.45 5.21
CA VAL A 176 7.34 6.53 4.91
C VAL A 176 8.75 5.95 5.02
N GLY A 177 9.40 5.84 3.88
CA GLY A 177 10.71 5.26 3.77
C GLY A 177 11.75 6.32 4.14
N PRO A 178 12.99 5.91 4.37
CA PRO A 178 14.06 6.89 4.62
C PRO A 178 14.46 7.72 3.37
N VAL A 179 14.98 8.92 3.66
CA VAL A 179 15.73 9.74 2.68
C VAL A 179 17.18 9.27 2.79
N GLY A 180 17.70 8.70 1.71
CA GLY A 180 19.03 8.08 1.73
C GLY A 180 19.04 6.67 2.30
N GLU A 181 20.21 6.05 2.28
CA GLU A 181 20.37 4.64 2.50
C GLU A 181 20.47 4.32 4.00
N ARG A 182 19.32 4.16 4.61
CA ARG A 182 19.19 3.82 6.01
C ARG A 182 18.48 2.49 6.03
N PRO A 183 19.26 1.39 5.89
CA PRO A 183 18.72 0.06 5.70
C PRO A 183 17.72 -0.37 6.75
N ASP A 184 17.99 -0.03 8.00
CA ASP A 184 17.14 -0.46 9.08
C ASP A 184 15.80 0.25 9.06
N MET A 185 15.73 1.49 8.55
CA MET A 185 14.44 2.16 8.36
C MET A 185 13.66 1.57 7.16
N LEU A 186 14.35 1.31 6.07
CA LEU A 186 13.70 0.66 4.93
C LEU A 186 13.17 -0.72 5.31
N ARG A 187 13.96 -1.46 6.08
CA ARG A 187 13.56 -2.75 6.57
C ARG A 187 12.36 -2.58 7.45
N LYS A 188 12.43 -1.63 8.39
CA LYS A 188 11.27 -1.30 9.25
C LYS A 188 9.98 -1.08 8.46
N CYS A 189 10.08 -0.32 7.37
CA CYS A 189 8.92 -0.06 6.49
C CYS A 189 8.26 -1.36 6.07
N TYR A 190 9.07 -2.25 5.51
CA TYR A 190 8.59 -3.56 5.06
C TYR A 190 8.00 -4.34 6.25
N ARG A 191 8.65 -4.32 7.41
CA ARG A 191 8.12 -4.99 8.62
C ARG A 191 6.77 -4.44 9.09
N SER A 192 6.66 -3.12 9.13
CA SER A 192 5.44 -2.41 9.50
C SER A 192 4.24 -2.70 8.59
N ILE A 193 4.49 -2.72 7.30
CA ILE A 193 3.49 -3.06 6.29
C ILE A 193 2.95 -4.47 6.50
N LEU A 194 3.89 -5.41 6.64
CA LEU A 194 3.57 -6.82 6.77
C LEU A 194 2.93 -7.11 8.13
N SER A 195 3.45 -6.46 9.17
CA SER A 195 2.76 -6.50 10.49
C SER A 195 1.28 -6.06 10.49
N LEU A 196 0.99 -4.87 9.92
CA LEU A 196 -0.41 -4.46 9.83
C LEU A 196 -1.27 -5.40 9.00
N ALA A 197 -0.75 -5.94 7.90
CA ALA A 197 -1.52 -6.94 7.12
C ALA A 197 -1.82 -8.16 7.95
N LEU A 198 -0.84 -8.61 8.72
CA LEU A 198 -1.02 -9.75 9.61
C LEU A 198 -1.99 -9.47 10.74
N LYS A 199 -1.85 -8.32 11.40
CA LYS A 199 -2.67 -8.00 12.56
C LYS A 199 -4.15 -7.94 12.20
N ASN A 200 -4.42 -7.48 10.98
CA ASN A 200 -5.76 -7.22 10.49
C ASN A 200 -6.29 -8.18 9.42
N GLY A 201 -5.54 -9.24 9.13
CA GLY A 201 -6.03 -10.32 8.28
C GLY A 201 -6.08 -10.01 6.80
N LEU A 202 -5.21 -9.10 6.36
CA LEU A 202 -5.08 -8.81 4.96
C LEU A 202 -4.21 -9.91 4.34
N ARG A 203 -4.66 -10.48 3.24
CA ARG A 203 -4.04 -11.68 2.70
C ARG A 203 -3.18 -11.44 1.48
N SER A 204 -3.24 -10.24 0.92
CA SER A 204 -2.47 -9.89 -0.25
C SER A 204 -2.14 -8.41 -0.30
N ILE A 205 -0.91 -8.14 -0.71
CA ILE A 205 -0.35 -6.79 -0.70
C ILE A 205 0.33 -6.48 -2.02
N GLY A 206 0.07 -5.29 -2.53
CA GLY A 206 0.78 -4.77 -3.65
C GLY A 206 1.75 -3.71 -3.22
N PHE A 207 3.05 -3.98 -3.41
CA PHE A 207 4.12 -3.07 -3.09
C PHE A 207 4.56 -2.20 -4.24
N CYS A 208 5.07 -1.02 -3.90
CA CYS A 208 5.81 -0.17 -4.86
C CYS A 208 7.26 -0.14 -4.35
N CYS A 209 8.18 0.41 -5.12
CA CYS A 209 9.60 0.46 -4.70
C CYS A 209 9.93 1.65 -3.74
N VAL A 210 9.37 1.59 -2.54
CA VAL A 210 9.57 2.63 -1.52
C VAL A 210 11.00 3.19 -1.41
N SER A 211 11.08 4.52 -1.25
CA SER A 211 12.37 5.29 -1.12
C SER A 211 13.23 5.36 -2.39
N THR A 212 12.87 4.62 -3.42
CA THR A 212 13.76 4.47 -4.58
C THR A 212 13.57 5.47 -5.66
N GLY A 213 12.53 6.31 -5.58
CA GLY A 213 12.33 7.35 -6.60
C GLY A 213 12.91 8.65 -6.06
N VAL A 214 12.04 9.63 -5.74
CA VAL A 214 12.57 10.93 -5.30
C VAL A 214 13.40 10.85 -4.01
N TYR A 215 13.17 9.87 -3.14
CA TYR A 215 14.01 9.73 -1.95
C TYR A 215 15.40 9.11 -2.18
N GLY A 216 15.67 8.64 -3.40
CA GLY A 216 17.05 8.28 -3.82
C GLY A 216 17.74 7.13 -3.09
N TYR A 217 16.97 6.23 -2.50
CA TYR A 217 17.57 5.00 -1.99
C TYR A 217 18.00 4.21 -3.22
N PRO A 218 19.28 3.75 -3.27
CA PRO A 218 19.72 2.97 -4.42
C PRO A 218 18.88 1.68 -4.63
N LEU A 219 18.51 1.46 -5.88
CA LEU A 219 17.45 0.49 -6.26
C LEU A 219 17.76 -0.98 -5.92
N LEU A 220 18.97 -1.44 -6.28
CA LEU A 220 19.35 -2.82 -6.03
C LEU A 220 19.44 -3.08 -4.53
N PRO A 221 20.09 -2.18 -3.78
CA PRO A 221 20.04 -2.37 -2.32
C PRO A 221 18.59 -2.32 -1.75
N ALA A 222 17.73 -1.43 -2.26
CA ALA A 222 16.32 -1.34 -1.78
C ALA A 222 15.54 -2.66 -2.09
N THR A 223 15.76 -3.22 -3.28
CA THR A 223 15.11 -4.47 -3.75
C THR A 223 15.51 -5.68 -2.92
N ARG A 224 16.80 -5.74 -2.57
CA ARG A 224 17.31 -6.73 -1.63
C ARG A 224 16.58 -6.73 -0.32
N ILE A 225 16.38 -5.54 0.25
CA ILE A 225 15.64 -5.41 1.49
C ILE A 225 14.18 -5.80 1.32
N ALA A 226 13.51 -5.25 0.30
CA ALA A 226 12.09 -5.57 0.03
C ALA A 226 11.89 -7.08 -0.02
N LEU A 227 12.75 -7.75 -0.78
CA LEU A 227 12.66 -9.20 -0.98
C LEU A 227 13.11 -9.98 0.22
N GLY A 228 14.25 -9.59 0.80
CA GLY A 228 14.75 -10.22 2.05
C GLY A 228 13.72 -10.19 3.15
N GLU A 229 13.14 -9.01 3.40
CA GLU A 229 12.11 -8.89 4.43
C GLU A 229 10.85 -9.66 4.16
N THR A 230 10.39 -9.65 2.93
CA THR A 230 9.14 -10.33 2.60
C THR A 230 9.37 -11.85 2.75
N ARG A 231 10.54 -12.30 2.34
CA ARG A 231 10.93 -13.71 2.45
C ARG A 231 10.91 -14.16 3.92
N LYS A 232 11.54 -13.36 4.80
CA LYS A 232 11.59 -13.65 6.25
C LYS A 232 10.20 -13.75 6.85
N PHE A 233 9.33 -12.81 6.47
CA PHE A 233 7.97 -12.77 6.96
C PHE A 233 7.19 -13.99 6.51
N LEU A 234 7.27 -14.29 5.22
CA LEU A 234 6.67 -15.51 4.65
C LEU A 234 7.11 -16.82 5.32
N GLU A 235 8.38 -16.88 5.71
CA GLU A 235 8.95 -18.06 6.40
C GLU A 235 8.41 -18.22 7.81
N GLU A 236 8.26 -17.11 8.53
CA GLU A 236 7.69 -17.11 9.87
C GLU A 236 6.16 -17.20 9.88
N HIS A 237 5.50 -16.57 8.93
CA HIS A 237 4.03 -16.46 8.96
C HIS A 237 3.36 -17.08 7.74
N GLY A 238 3.95 -18.15 7.24
CA GLY A 238 3.34 -18.91 6.15
C GLY A 238 1.90 -19.29 6.51
N GLY A 239 0.96 -19.00 5.62
CA GLY A 239 -0.45 -19.25 5.88
C GLY A 239 -1.26 -18.00 6.17
N ALA A 240 -0.59 -16.92 6.57
CA ALA A 240 -1.23 -15.58 6.73
C ALA A 240 -1.39 -14.82 5.42
N LEU A 241 -0.39 -14.93 4.53
CA LEU A 241 -0.40 -14.25 3.23
C LEU A 241 -0.48 -15.19 2.02
N ASP A 242 -1.27 -14.80 1.03
CA ASP A 242 -1.35 -15.52 -0.25
C ASP A 242 -0.49 -14.90 -1.39
N MET A 243 -0.31 -13.57 -1.41
CA MET A 243 0.42 -12.90 -2.50
C MET A 243 1.07 -11.58 -2.05
N CYS A 244 2.36 -11.46 -2.31
CA CYS A 244 3.07 -10.19 -2.24
C CYS A 244 3.49 -9.92 -3.67
N CYS A 245 2.85 -8.91 -4.26
CA CYS A 245 3.09 -8.52 -5.63
C CYS A 245 3.94 -7.25 -5.60
N PHE A 246 5.09 -7.28 -6.28
CA PHE A 246 5.91 -6.08 -6.40
C PHE A 246 5.63 -5.40 -7.73
N ALA A 247 5.03 -4.20 -7.66
CA ALA A 247 4.63 -3.44 -8.83
C ALA A 247 5.82 -2.59 -9.27
N CYS A 248 6.22 -2.74 -10.53
CA CYS A 248 7.39 -2.10 -11.07
C CYS A 248 6.91 -1.15 -12.18
N PHE A 249 6.84 0.12 -11.83
CA PHE A 249 6.35 1.15 -12.71
C PHE A 249 7.34 1.44 -13.84
N GLN A 250 8.62 1.17 -13.57
CA GLN A 250 9.76 1.36 -14.50
C GLN A 250 10.41 0.01 -14.85
N GLU A 251 10.90 -0.10 -16.08
CA GLU A 251 11.49 -1.37 -16.56
C GLU A 251 12.71 -1.82 -15.74
N ASP A 252 13.53 -0.87 -15.31
CA ASP A 252 14.73 -1.18 -14.51
C ASP A 252 14.43 -1.69 -13.10
N GLU A 253 13.27 -1.32 -12.55
CA GLU A 253 12.81 -1.89 -11.28
C GLU A 253 12.47 -3.33 -11.57
N TYR A 254 11.74 -3.57 -12.68
CA TYR A 254 11.29 -4.92 -13.03
C TYR A 254 12.50 -5.86 -13.27
N LYS A 255 13.48 -5.38 -14.02
CA LYS A 255 14.74 -6.14 -14.26
C LYS A 255 15.56 -6.40 -12.97
N THR A 256 15.60 -5.42 -12.07
CA THR A 256 16.31 -5.59 -10.80
C THR A 256 15.65 -6.66 -9.92
N TYR A 257 14.31 -6.62 -9.82
CA TYR A 257 13.52 -7.61 -9.10
C TYR A 257 13.75 -8.99 -9.77
N GLU A 258 13.63 -9.04 -11.09
CA GLU A 258 13.80 -10.28 -11.86
C GLU A 258 15.15 -10.92 -11.55
N LYS A 259 16.20 -10.11 -11.63
CA LYS A 259 17.55 -10.55 -11.38
C LYS A 259 17.77 -11.00 -9.96
N CYS A 260 17.13 -10.32 -9.01
CA CYS A 260 17.26 -10.67 -7.61
C CYS A 260 16.61 -11.99 -7.22
N VAL A 261 15.57 -12.37 -7.93
CA VAL A 261 14.85 -13.62 -7.60
C VAL A 261 15.25 -14.80 -8.52
N GLY A 262 16.53 -14.83 -8.91
CA GLY A 262 17.05 -15.87 -9.81
C GLY A 262 16.64 -15.55 -11.23
#